data_6H8N
#
_entry.id   6H8N
#
_cell.length_a   55.420
_cell.length_b   61.800
_cell.length_c   130.990
_cell.angle_alpha   90.00
_cell.angle_beta   90.00
_cell.angle_gamma   90.00
#
_symmetry.space_group_name_H-M   'P 21 21 21'
#
loop_
_entity.id
_entity.type
_entity.pdbx_description
1 polymer 'Peptidoglycan-N-acetylmuramic acid deacetylase PdaC'
2 non-polymer 'ZINC ION'
3 non-polymer 'PHOSPHATE ION'
4 non-polymer GLYCEROL
5 water water
#
_entity_poly.entity_id   1
_entity_poly.type   'polypeptide(L)'
_entity_poly.pdbx_seq_one_letter_code
;MEETVDPNQKVIALTFSDGPNPATTNQILDSLKKYKGHATFFVLGSRVQYYPETLIRMLKEGNEVGNHSWSHPLLTRLSV
KEALKQINDTQDIIEKISGYRPTLVRPPYGGINDELRSQMKMDVALWDVDPEDWKDRNKKTIVDRVMNQAGDGRTILIHD
IYRTSADAADEIIKKLTDQGYQLVTVSQLEEVKKQREAKELRRQWSHPQFEK
;
_entity_poly.pdbx_strand_id   A,B
#
# COMPACT_ATOMS: atom_id res chain seq x y z
N VAL A 5 18.61 -4.94 4.66
CA VAL A 5 17.24 -5.31 5.03
C VAL A 5 16.86 -6.64 4.40
N ASP A 6 16.43 -7.59 5.21
CA ASP A 6 16.12 -8.94 4.76
C ASP A 6 14.63 -9.01 4.39
N PRO A 7 14.26 -9.20 3.13
CA PRO A 7 12.84 -9.24 2.78
C PRO A 7 12.10 -10.45 3.31
N ASN A 8 12.79 -11.49 3.77
CA ASN A 8 12.12 -12.68 4.29
C ASN A 8 11.80 -12.57 5.78
N GLN A 9 12.15 -11.45 6.40
CA GLN A 9 11.81 -11.19 7.80
C GLN A 9 10.83 -10.02 7.84
N LYS A 10 10.24 -9.81 9.02
CA LYS A 10 9.23 -8.79 9.16
C LYS A 10 9.83 -7.40 8.97
N VAL A 11 9.04 -6.52 8.34
CA VAL A 11 9.42 -5.12 8.17
C VAL A 11 8.24 -4.25 8.56
N ILE A 12 8.55 -3.05 9.01
CA ILE A 12 7.53 -2.05 9.29
C ILE A 12 8.16 -0.68 9.08
N ALA A 13 7.34 0.27 8.65
CA ALA A 13 7.78 1.65 8.39
C ALA A 13 7.13 2.56 9.42
N LEU A 14 7.91 3.01 10.40
CA LEU A 14 7.47 4.06 11.30
C LEU A 14 7.73 5.40 10.63
N THR A 15 6.72 6.24 10.60
CA THR A 15 6.83 7.53 9.95
C THR A 15 6.34 8.62 10.87
N PHE A 16 6.97 9.79 10.74
CA PHE A 16 6.76 10.90 11.65
C PHE A 16 6.49 12.18 10.87
N SER A 17 5.36 12.80 11.12
CA SER A 17 4.98 14.05 10.45
C SER A 17 5.01 15.22 11.40
N ASP A 18 5.40 16.38 10.90
CA ASP A 18 5.17 17.72 11.46
C ASP A 18 6.37 18.34 12.11
N GLY A 19 7.47 17.61 12.24
CA GLY A 19 8.70 18.16 12.78
C GLY A 19 9.50 18.83 11.67
N PRO A 20 10.76 19.17 11.95
CA PRO A 20 11.46 18.85 13.20
C PRO A 20 11.04 19.70 14.38
N ASN A 21 11.14 19.10 15.56
CA ASN A 21 10.96 19.80 16.82
C ASN A 21 12.02 19.21 17.76
N PRO A 22 13.12 19.91 17.99
CA PRO A 22 14.25 19.25 18.70
C PRO A 22 13.86 18.45 19.94
N ALA A 23 13.06 19.02 20.84
CA ALA A 23 12.81 18.35 22.11
C ALA A 23 12.19 16.98 21.90
N THR A 24 11.31 16.83 20.90
CA THR A 24 10.65 15.56 20.67
C THR A 24 11.34 14.75 19.57
N THR A 25 11.71 15.39 18.45
CA THR A 25 12.39 14.69 17.37
C THR A 25 13.71 14.10 17.82
N ASN A 26 14.49 14.83 18.63
CA ASN A 26 15.77 14.28 19.07
C ASN A 26 15.59 13.04 19.95
N GLN A 27 14.56 13.03 20.77
CA GLN A 27 14.28 11.86 21.60
C GLN A 27 13.96 10.66 20.72
N ILE A 28 13.16 10.86 19.66
CA ILE A 28 12.82 9.77 18.75
C ILE A 28 14.07 9.30 18.01
N LEU A 29 14.90 10.24 17.54
CA LEU A 29 16.14 9.86 16.89
C LEU A 29 17.04 9.07 17.83
N ASP A 30 17.07 9.44 19.12
CA ASP A 30 17.83 8.68 20.11
C ASP A 30 17.30 7.25 20.22
N SER A 31 15.98 7.09 20.28
CA SER A 31 15.38 5.77 20.41
C SER A 31 15.71 4.92 19.19
N LEU A 32 15.57 5.49 17.99
CA LEU A 32 15.90 4.75 16.78
C LEU A 32 17.35 4.30 16.79
N LYS A 33 18.26 5.20 17.18
CA LYS A 33 19.67 4.85 17.20
C LYS A 33 19.95 3.76 18.22
N LYS A 34 19.33 3.84 19.41
CA LYS A 34 19.55 2.86 20.47
C LYS A 34 19.11 1.48 20.02
N TYR A 35 17.97 1.39 19.35
CA TYR A 35 17.42 0.11 18.95
C TYR A 35 17.81 -0.28 17.52
N LYS A 36 18.71 0.47 16.89
CA LYS A 36 19.26 0.14 15.59
C LYS A 36 18.17 0.04 14.52
N GLY A 37 17.25 1.01 14.54
CA GLY A 37 16.21 1.11 13.55
C GLY A 37 16.28 2.46 12.82
N HIS A 38 15.52 2.56 11.74
CA HIS A 38 15.40 3.80 10.99
C HIS A 38 13.94 4.14 10.82
N ALA A 39 13.68 5.38 10.42
CA ALA A 39 12.31 5.85 10.18
C ALA A 39 12.34 6.90 9.07
N THR A 40 11.16 7.42 8.76
CA THR A 40 10.99 8.42 7.73
C THR A 40 10.28 9.61 8.34
N PHE A 41 10.87 10.80 8.18
CA PHE A 41 10.37 12.03 8.78
C PHE A 41 9.83 12.92 7.68
N PHE A 42 8.55 13.23 7.74
CA PHE A 42 7.88 14.11 6.80
C PHE A 42 7.85 15.48 7.45
N VAL A 43 8.70 16.36 6.95
CA VAL A 43 9.06 17.59 7.63
C VAL A 43 8.35 18.79 7.01
N LEU A 44 8.05 19.76 7.86
CA LEU A 44 7.53 21.06 7.44
C LEU A 44 8.68 21.97 7.08
N GLY A 45 8.61 22.60 5.90
CA GLY A 45 9.67 23.50 5.49
C GLY A 45 9.93 24.61 6.50
N SER A 46 8.87 25.18 7.07
CA SER A 46 9.07 26.25 8.05
C SER A 46 9.88 25.77 9.25
N ARG A 47 9.66 24.53 9.69
CA ARG A 47 10.41 23.99 10.83
C ARG A 47 11.83 23.57 10.46
N VAL A 48 12.05 23.09 9.24
CA VAL A 48 13.41 22.88 8.77
C VAL A 48 14.19 24.18 8.84
N GLN A 49 13.57 25.29 8.44
CA GLN A 49 14.23 26.58 8.48
C GLN A 49 14.57 26.98 9.90
N TYR A 50 13.69 26.69 10.86
CA TYR A 50 13.96 26.99 12.26
C TYR A 50 15.03 26.09 12.85
N TYR A 51 15.11 24.83 12.40
CA TYR A 51 15.86 23.78 13.08
C TYR A 51 16.71 22.98 12.09
N PRO A 52 17.60 23.65 11.37
CA PRO A 52 18.38 22.95 10.32
C PRO A 52 19.25 21.85 10.89
N GLU A 53 19.75 22.02 12.12
CA GLU A 53 20.58 20.99 12.74
C GLU A 53 19.87 19.66 12.85
N THR A 54 18.56 19.69 13.07
CA THR A 54 17.82 18.45 13.27
C THR A 54 17.61 17.73 11.95
N LEU A 55 17.45 18.47 10.85
CA LEU A 55 17.44 17.84 9.53
C LEU A 55 18.77 17.13 9.28
N ILE A 56 19.89 17.82 9.54
CA ILE A 56 21.18 17.18 9.34
C ILE A 56 21.30 15.91 10.18
N ARG A 57 20.89 15.98 11.45
CA ARG A 57 21.01 14.81 12.30
C ARG A 57 20.19 13.63 11.79
N MET A 58 18.95 13.87 11.38
CA MET A 58 18.13 12.74 10.95
C MET A 58 18.74 12.08 9.72
N LEU A 59 19.30 12.88 8.79
CA LEU A 59 19.96 12.33 7.60
C LEU A 59 21.25 11.61 7.97
N LYS A 60 22.04 12.20 8.86
CA LYS A 60 23.31 11.58 9.24
C LYS A 60 23.09 10.22 9.86
N GLU A 61 21.97 10.03 10.55
CA GLU A 61 21.68 8.79 11.25
C GLU A 61 20.90 7.79 10.40
N GLY A 62 20.82 8.01 9.08
CA GLY A 62 20.31 7.02 8.18
C GLY A 62 18.81 7.04 7.95
N ASN A 63 18.12 8.06 8.44
CA ASN A 63 16.68 8.15 8.25
C ASN A 63 16.36 8.84 6.94
N GLU A 64 15.16 8.57 6.44
CA GLU A 64 14.68 9.17 5.20
C GLU A 64 13.88 10.42 5.55
N VAL A 65 13.94 11.41 4.67
CA VAL A 65 13.23 12.67 4.84
C VAL A 65 12.28 12.87 3.67
N GLY A 66 11.02 13.16 3.99
CA GLY A 66 10.01 13.47 3.01
C GLY A 66 9.48 14.88 3.22
N ASN A 67 8.74 15.36 2.23
CA ASN A 67 8.23 16.73 2.19
C ASN A 67 6.79 16.76 2.71
N HIS A 68 6.52 17.62 3.70
CA HIS A 68 5.18 17.71 4.30
C HIS A 68 4.58 19.09 4.14
N SER A 69 5.03 19.84 3.12
CA SER A 69 4.61 21.22 2.85
C SER A 69 5.38 22.21 3.70
N TRP A 70 5.20 23.51 3.41
CA TRP A 70 5.89 24.56 4.14
C TRP A 70 5.23 24.87 5.47
N SER A 71 3.91 25.12 5.45
CA SER A 71 3.18 25.61 6.61
C SER A 71 1.90 24.84 6.90
N HIS A 72 1.74 23.65 6.31
CA HIS A 72 0.67 22.70 6.68
C HIS A 72 -0.73 23.14 6.26
N PRO A 73 -0.94 23.85 5.15
CA PRO A 73 -2.31 24.04 4.68
C PRO A 73 -2.84 22.74 4.09
N LEU A 74 -4.17 22.64 4.03
CA LEU A 74 -4.79 21.64 3.18
C LEU A 74 -4.56 22.05 1.73
N LEU A 75 -3.79 21.26 0.99
CA LEU A 75 -3.31 21.72 -0.32
C LEU A 75 -4.45 21.85 -1.33
N THR A 76 -5.52 21.09 -1.14
CA THR A 76 -6.68 21.17 -2.02
C THR A 76 -7.51 22.42 -1.78
N ARG A 77 -7.26 23.18 -0.71
CA ARG A 77 -7.89 24.49 -0.52
C ARG A 77 -7.17 25.59 -1.29
N LEU A 78 -5.98 25.31 -1.83
CA LEU A 78 -5.17 26.28 -2.53
C LEU A 78 -5.31 26.12 -4.04
N SER A 79 -4.88 27.15 -4.77
CA SER A 79 -4.65 26.97 -6.20
C SER A 79 -3.48 26.04 -6.41
N VAL A 80 -3.41 25.46 -7.61
CA VAL A 80 -2.32 24.56 -7.94
C VAL A 80 -1.00 25.29 -7.78
N LYS A 81 -0.94 26.54 -8.24
CA LYS A 81 0.28 27.34 -8.13
C LYS A 81 0.70 27.48 -6.66
N GLU A 82 -0.25 27.82 -5.77
CA GLU A 82 0.08 28.01 -4.36
C GLU A 82 0.49 26.68 -3.71
N ALA A 83 -0.19 25.59 -4.09
CA ALA A 83 0.15 24.29 -3.52
C ALA A 83 1.55 23.87 -3.97
N LEU A 84 1.87 24.07 -5.25
CA LEU A 84 3.22 23.73 -5.72
C LEU A 84 4.27 24.57 -5.04
N LYS A 85 3.98 25.83 -4.72
CA LYS A 85 4.92 26.65 -4.00
C LYS A 85 5.18 26.12 -2.59
N GLN A 86 4.14 25.63 -1.91
CA GLN A 86 4.33 25.00 -0.61
C GLN A 86 5.33 23.84 -0.71
N ILE A 87 5.16 23.00 -1.73
CA ILE A 87 6.02 21.85 -1.91
C ILE A 87 7.41 22.28 -2.32
N ASN A 88 7.51 23.17 -3.32
CA ASN A 88 8.82 23.56 -3.85
C ASN A 88 9.61 24.38 -2.83
N ASP A 89 8.95 25.24 -2.06
CA ASP A 89 9.68 25.97 -1.03
C ASP A 89 10.30 25.03 -0.01
N THR A 90 9.60 23.92 0.26
CA THR A 90 10.11 22.94 1.22
C THR A 90 11.24 22.13 0.62
N GLN A 91 11.14 21.75 -0.65
CA GLN A 91 12.30 21.14 -1.34
C GLN A 91 13.50 22.08 -1.26
N ASP A 92 13.25 23.38 -1.48
CA ASP A 92 14.34 24.34 -1.58
C ASP A 92 15.06 24.50 -0.25
N ILE A 93 14.34 24.60 0.87
CA ILE A 93 15.03 24.78 2.14
C ILE A 93 15.82 23.53 2.51
N ILE A 94 15.25 22.35 2.25
CA ILE A 94 15.96 21.12 2.54
C ILE A 94 17.24 21.05 1.71
N GLU A 95 17.16 21.41 0.43
CA GLU A 95 18.34 21.41 -0.44
C GLU A 95 19.39 22.41 0.05
N LYS A 96 18.96 23.60 0.45
CA LYS A 96 19.88 24.66 0.88
C LYS A 96 20.65 24.27 2.13
N ILE A 97 20.04 23.51 3.02
CA ILE A 97 20.69 23.10 4.27
CA ILE A 97 20.69 23.10 4.26
C ILE A 97 21.55 21.87 4.08
N SER A 98 21.10 20.93 3.25
CA SER A 98 21.63 19.57 3.27
C SER A 98 22.06 19.03 1.91
N GLY A 99 21.67 19.66 0.81
CA GLY A 99 21.94 19.08 -0.49
C GLY A 99 21.12 17.86 -0.83
N TYR A 100 20.13 17.52 0.00
CA TYR A 100 19.26 16.36 -0.22
C TYR A 100 17.98 16.81 -0.91
N ARG A 101 17.53 16.01 -1.86
CA ARG A 101 16.28 16.23 -2.58
C ARG A 101 15.29 15.12 -2.23
N PRO A 102 14.29 15.39 -1.39
CA PRO A 102 13.28 14.35 -1.11
C PRO A 102 12.59 13.90 -2.38
N THR A 103 12.26 12.61 -2.40
CA THR A 103 11.41 12.04 -3.45
C THR A 103 10.00 11.74 -2.98
N LEU A 104 9.76 11.73 -1.68
CA LEU A 104 8.47 11.41 -1.10
C LEU A 104 7.77 12.68 -0.64
N VAL A 105 6.48 12.78 -0.92
CA VAL A 105 5.67 13.89 -0.43
C VAL A 105 4.49 13.30 0.34
N ARG A 106 4.14 13.96 1.45
CA ARG A 106 2.99 13.57 2.25
C ARG A 106 2.10 14.80 2.39
N PRO A 107 1.04 14.92 1.60
CA PRO A 107 0.19 16.11 1.67
C PRO A 107 -0.47 16.22 3.03
N PRO A 108 -0.49 17.40 3.65
CA PRO A 108 -1.18 17.58 4.93
C PRO A 108 -2.59 17.02 4.90
N TYR A 109 -2.97 16.35 5.99
CA TYR A 109 -4.29 15.76 6.19
C TYR A 109 -4.64 14.68 5.17
N GLY A 110 -3.67 14.23 4.36
CA GLY A 110 -3.91 13.30 3.28
C GLY A 110 -4.56 13.91 2.05
N GLY A 111 -4.75 15.22 2.03
CA GLY A 111 -5.55 15.86 0.99
C GLY A 111 -4.80 16.08 -0.30
N ILE A 112 -5.29 15.47 -1.37
CA ILE A 112 -4.62 15.50 -2.66
C ILE A 112 -5.67 15.28 -3.74
N ASN A 113 -5.34 15.66 -4.96
CA ASN A 113 -6.17 15.34 -6.12
C ASN A 113 -5.26 14.99 -7.29
N ASP A 114 -5.89 14.52 -8.37
CA ASP A 114 -5.12 14.02 -9.50
C ASP A 114 -4.27 15.11 -10.15
N GLU A 115 -4.76 16.34 -10.18
CA GLU A 115 -3.99 17.41 -10.79
C GLU A 115 -2.73 17.70 -9.98
N LEU A 116 -2.86 17.77 -8.66
CA LEU A 116 -1.68 17.99 -7.83
C LEU A 116 -0.72 16.81 -7.94
N ARG A 117 -1.25 15.59 -7.94
CA ARG A 117 -0.42 14.41 -8.13
C ARG A 117 0.46 14.56 -9.36
N SER A 118 -0.16 14.87 -10.50
CA SER A 118 0.58 14.92 -11.75
C SER A 118 1.59 16.07 -11.75
N GLN A 119 1.27 17.18 -11.11
CA GLN A 119 2.16 18.34 -11.17
C GLN A 119 3.28 18.30 -10.13
N MET A 120 3.10 17.59 -9.01
CA MET A 120 4.15 17.59 -7.99
C MET A 120 5.35 16.73 -8.42
N LYS A 121 5.11 15.69 -9.21
CA LYS A 121 6.20 14.84 -9.71
C LYS A 121 7.00 14.24 -8.55
N MET A 122 6.28 13.80 -7.51
CA MET A 122 6.88 13.15 -6.36
C MET A 122 6.04 11.93 -6.04
N ASP A 123 6.61 11.04 -5.24
CA ASP A 123 5.90 9.84 -4.82
CA ASP A 123 5.95 9.81 -4.79
C ASP A 123 5.11 10.15 -3.54
N VAL A 124 3.79 9.98 -3.63
CA VAL A 124 2.90 10.30 -2.52
C VAL A 124 2.94 9.16 -1.52
N ALA A 125 3.29 9.45 -0.28
CA ALA A 125 3.50 8.45 0.76
C ALA A 125 2.58 8.74 1.93
N LEU A 126 1.52 7.96 2.05
CA LEU A 126 0.56 8.08 3.14
C LEU A 126 0.82 7.00 4.18
N TRP A 127 -0.20 6.36 4.72
CA TRP A 127 0.01 5.49 5.88
C TRP A 127 -1.15 4.50 5.99
N ASP A 128 -0.94 3.47 6.82
CA ASP A 128 -1.93 2.43 7.10
C ASP A 128 -2.50 2.49 8.51
N VAL A 129 -1.73 2.96 9.47
CA VAL A 129 -2.09 2.91 10.89
C VAL A 129 -1.91 4.31 11.46
N ASP A 130 -2.97 4.84 12.05
CA ASP A 130 -2.97 6.21 12.57
C ASP A 130 -3.62 6.19 13.94
N PRO A 131 -2.85 6.25 15.02
CA PRO A 131 -3.43 6.26 16.37
C PRO A 131 -4.04 7.60 16.77
N GLU A 132 -4.03 8.57 15.88
CA GLU A 132 -4.60 9.88 16.16
C GLU A 132 -3.99 10.49 17.43
N ASP A 133 -2.66 10.55 17.46
CA ASP A 133 -1.96 11.05 18.64
C ASP A 133 -2.17 12.54 18.87
N TRP A 134 -2.72 13.27 17.89
CA TRP A 134 -3.11 14.65 18.08
C TRP A 134 -4.40 14.75 18.89
N LYS A 135 -5.22 13.71 18.84
CA LYS A 135 -6.53 13.68 19.47
C LYS A 135 -6.46 13.06 20.86
N ASP A 136 -5.78 11.93 20.97
CA ASP A 136 -5.60 11.22 22.24
C ASP A 136 -4.14 11.39 22.64
N ARG A 137 -3.85 12.50 23.31
CA ARG A 137 -2.49 12.85 23.66
C ARG A 137 -2.14 12.17 24.99
N ASN A 138 -1.96 10.86 24.88
CA ASN A 138 -1.83 9.99 26.04
C ASN A 138 -0.95 8.83 25.60
N LYS A 139 0.19 8.68 26.27
CA LYS A 139 1.21 7.73 25.84
C LYS A 139 0.64 6.32 25.68
N LYS A 140 -0.01 5.80 26.72
CA LYS A 140 -0.43 4.41 26.65
C LYS A 140 -1.51 4.20 25.60
N THR A 141 -2.39 5.18 25.40
CA THR A 141 -3.40 5.06 24.36
C THR A 141 -2.76 4.95 22.98
N ILE A 142 -1.75 5.78 22.72
CA ILE A 142 -1.04 5.73 21.45
C ILE A 142 -0.32 4.40 21.28
N VAL A 143 0.45 3.99 22.29
CA VAL A 143 1.18 2.73 22.20
C VAL A 143 0.23 1.57 21.90
N ASP A 144 -0.86 1.49 22.65
CA ASP A 144 -1.73 0.33 22.51
C ASP A 144 -2.41 0.31 21.15
N ARG A 145 -2.81 1.48 20.64
CA ARG A 145 -3.42 1.53 19.31
C ARG A 145 -2.43 1.06 18.26
N VAL A 146 -1.19 1.56 18.32
CA VAL A 146 -0.20 1.15 17.33
C VAL A 146 0.12 -0.33 17.46
N MET A 147 0.39 -0.80 18.69
CA MET A 147 0.83 -2.18 18.84
C MET A 147 -0.27 -3.17 18.49
N ASN A 148 -1.54 -2.81 18.69
CA ASN A 148 -2.63 -3.70 18.31
C ASN A 148 -2.80 -3.78 16.80
N GLN A 149 -2.40 -2.74 16.06
CA GLN A 149 -2.57 -2.70 14.62
C GLN A 149 -1.29 -3.01 13.85
N ALA A 150 -0.15 -3.05 14.51
CA ALA A 150 1.11 -3.25 13.82
C ALA A 150 1.11 -4.62 13.13
N GLY A 151 1.78 -4.68 11.99
CA GLY A 151 1.98 -5.93 11.28
C GLY A 151 3.00 -5.72 10.19
N ASP A 152 3.50 -6.82 9.67
CA ASP A 152 4.46 -6.77 8.58
C ASP A 152 3.92 -5.93 7.43
N GLY A 153 4.81 -5.11 6.89
CA GLY A 153 4.53 -4.32 5.71
C GLY A 153 3.73 -3.07 5.94
N ARG A 154 3.34 -2.77 7.17
CA ARG A 154 2.49 -1.61 7.43
CA ARG A 154 2.49 -1.62 7.43
C ARG A 154 3.32 -0.36 7.65
N THR A 155 2.66 0.77 7.46
CA THR A 155 3.22 2.10 7.65
C THR A 155 2.42 2.80 8.75
N ILE A 156 3.13 3.24 9.78
CA ILE A 156 2.53 3.86 10.97
CA ILE A 156 2.54 3.85 10.98
C ILE A 156 2.76 5.35 10.91
N LEU A 157 1.74 6.14 11.27
CA LEU A 157 1.82 7.60 11.39
C LEU A 157 1.84 8.03 12.84
N ILE A 158 2.91 8.73 13.24
CA ILE A 158 3.01 9.43 14.52
C ILE A 158 3.39 10.87 14.21
N HIS A 159 2.93 11.82 15.01
CA HIS A 159 3.29 13.23 14.81
C HIS A 159 4.35 13.61 15.83
N ASP A 160 5.58 13.90 15.36
CA ASP A 160 6.74 14.03 16.27
C ASP A 160 6.87 15.41 16.87
N ILE A 161 5.77 16.04 17.27
CA ILE A 161 5.76 17.36 17.87
C ILE A 161 5.18 17.35 19.28
N TYR A 162 4.72 16.22 19.78
CA TYR A 162 4.10 16.13 21.10
C TYR A 162 4.94 15.25 22.02
N ARG A 163 5.07 15.67 23.28
CA ARG A 163 5.80 14.88 24.26
C ARG A 163 5.24 13.46 24.37
N THR A 164 3.91 13.32 24.42
CA THR A 164 3.30 11.99 24.53
C THR A 164 3.60 11.14 23.31
N SER A 165 3.72 11.76 22.14
CA SER A 165 4.06 11.03 20.92
C SER A 165 5.50 10.55 20.95
N ALA A 166 6.44 11.37 21.41
CA ALA A 166 7.82 10.93 21.50
C ALA A 166 7.96 9.81 22.53
N ASP A 167 7.31 9.96 23.67
CA ASP A 167 7.36 8.90 24.67
C ASP A 167 6.74 7.61 24.15
N ALA A 168 5.58 7.71 23.49
CA ALA A 168 4.97 6.54 22.89
C ALA A 168 5.89 5.91 21.85
N ALA A 169 6.51 6.76 21.02
CA ALA A 169 7.38 6.23 19.97
C ALA A 169 8.54 5.43 20.54
N ASP A 170 9.12 5.87 21.66
CA ASP A 170 10.19 5.08 22.27
C ASP A 170 9.71 3.68 22.62
N GLU A 171 8.55 3.58 23.26
CA GLU A 171 8.01 2.29 23.65
C GLU A 171 7.65 1.45 22.44
N ILE A 172 7.07 2.07 21.41
CA ILE A 172 6.72 1.35 20.17
C ILE A 172 7.99 0.81 19.51
N ILE A 173 9.02 1.64 19.41
CA ILE A 173 10.27 1.21 18.81
C ILE A 173 10.83 0.01 19.57
N LYS A 174 10.83 0.09 20.90
CA LYS A 174 11.34 -1.02 21.70
C LYS A 174 10.52 -2.30 21.48
N LYS A 175 9.20 -2.18 21.56
CA LYS A 175 8.36 -3.37 21.46
C LYS A 175 8.42 -3.99 20.06
N LEU A 176 8.41 -3.17 19.02
CA LEU A 176 8.53 -3.73 17.67
C LEU A 176 9.90 -4.38 17.46
N THR A 177 10.95 -3.76 17.98
CA THR A 177 12.27 -4.37 17.89
C THR A 177 12.29 -5.69 18.65
N ASP A 178 11.71 -5.73 19.85
CA ASP A 178 11.66 -6.97 20.63
C ASP A 178 10.89 -8.05 19.89
N GLN A 179 9.88 -7.67 19.10
CA GLN A 179 9.10 -8.63 18.30
C GLN A 179 9.80 -9.06 17.02
N GLY A 180 10.99 -8.55 16.73
CA GLY A 180 11.72 -8.99 15.56
C GLY A 180 11.46 -8.21 14.29
N TYR A 181 10.77 -7.08 14.36
CA TYR A 181 10.61 -6.26 13.16
C TYR A 181 11.89 -5.53 12.81
N GLN A 182 12.16 -5.41 11.52
CA GLN A 182 13.11 -4.48 10.97
C GLN A 182 12.39 -3.16 10.75
N LEU A 183 12.88 -2.12 11.40
CA LEU A 183 12.33 -0.77 11.28
C LEU A 183 13.01 -0.09 10.10
N VAL A 184 12.29 0.03 8.99
CA VAL A 184 12.85 0.45 7.72
C VAL A 184 12.23 1.77 7.29
N THR A 185 12.89 2.43 6.34
CA THR A 185 12.36 3.66 5.77
C THR A 185 11.26 3.31 4.76
N VAL A 186 10.51 4.34 4.36
CA VAL A 186 9.44 4.13 3.38
C VAL A 186 10.02 3.57 2.07
N SER A 187 11.12 4.12 1.60
CA SER A 187 11.72 3.60 0.37
C SER A 187 12.25 2.19 0.53
N GLN A 188 12.80 1.85 1.71
CA GLN A 188 13.25 0.49 1.95
C GLN A 188 12.08 -0.48 1.96
N LEU A 189 10.94 -0.06 2.51
CA LEU A 189 9.76 -0.91 2.50
C LEU A 189 9.29 -1.16 1.06
N GLU A 190 9.26 -0.12 0.23
CA GLU A 190 8.92 -0.29 -1.18
C GLU A 190 9.82 -1.32 -1.83
N GLU A 191 11.12 -1.28 -1.53
CA GLU A 191 12.06 -2.21 -2.14
C GLU A 191 11.80 -3.63 -1.64
N VAL A 192 11.53 -3.80 -0.34
CA VAL A 192 11.21 -5.12 0.18
C VAL A 192 10.00 -5.69 -0.53
N LYS A 193 8.95 -4.90 -0.68
CA LYS A 193 7.75 -5.40 -1.36
C LYS A 193 8.08 -5.84 -2.77
N LYS A 194 8.93 -5.10 -3.49
CA LYS A 194 9.32 -5.50 -4.83
C LYS A 194 10.11 -6.80 -4.80
N GLN A 195 11.02 -6.95 -3.86
CA GLN A 195 11.78 -8.19 -3.75
C GLN A 195 10.87 -9.38 -3.49
N ARG A 196 9.85 -9.20 -2.65
CA ARG A 196 8.92 -10.29 -2.37
C ARG A 196 8.09 -10.62 -3.61
N GLU A 197 7.60 -9.59 -4.30
CA GLU A 197 6.82 -9.81 -5.52
C GLU A 197 7.64 -10.52 -6.58
N ALA A 198 8.94 -10.24 -6.63
CA ALA A 198 9.82 -10.81 -7.65
C ALA A 198 9.96 -12.32 -7.52
N LYS A 199 9.58 -12.92 -6.40
CA LYS A 199 9.54 -14.37 -6.35
C LYS A 199 8.67 -14.96 -7.46
N GLU A 200 7.65 -14.24 -7.91
CA GLU A 200 6.81 -14.74 -8.98
C GLU A 200 7.58 -14.90 -10.29
N LEU A 201 8.67 -14.13 -10.49
CA LEU A 201 9.49 -14.29 -11.69
C LEU A 201 9.98 -15.71 -11.84
N ARG A 202 10.19 -16.43 -10.74
CA ARG A 202 10.73 -17.78 -10.80
C ARG A 202 9.79 -18.72 -11.53
N ARG A 203 8.50 -18.37 -11.63
CA ARG A 203 7.55 -19.21 -12.34
C ARG A 203 7.94 -19.38 -13.81
N GLN A 204 8.66 -18.41 -14.36
CA GLN A 204 9.03 -18.48 -15.77
C GLN A 204 9.95 -19.64 -16.11
N TRP A 205 10.69 -20.17 -15.16
CA TRP A 205 11.65 -21.23 -15.44
C TRP A 205 11.42 -22.44 -14.55
N SER A 206 10.33 -22.47 -13.80
CA SER A 206 9.87 -23.65 -13.05
C SER A 206 9.39 -24.72 -14.02
N VAL B 5 -19.32 -0.74 2.50
CA VAL B 5 -18.06 -1.10 3.15
C VAL B 5 -17.74 -0.12 4.28
N ASP B 6 -17.58 -0.65 5.49
CA ASP B 6 -17.36 0.17 6.68
C ASP B 6 -15.86 0.32 6.88
N PRO B 7 -15.29 1.52 6.75
CA PRO B 7 -13.84 1.65 6.93
C PRO B 7 -13.37 1.40 8.36
N ASN B 8 -14.26 1.39 9.36
CA ASN B 8 -13.87 1.13 10.73
C ASN B 8 -13.78 -0.33 11.09
N GLN B 9 -14.15 -1.22 10.19
CA GLN B 9 -14.02 -2.66 10.41
C GLN B 9 -12.92 -3.20 9.52
N LYS B 10 -12.53 -4.45 9.79
CA LYS B 10 -11.43 -5.06 9.07
C LYS B 10 -11.81 -5.28 7.62
N VAL B 11 -10.86 -5.05 6.74
CA VAL B 11 -11.03 -5.28 5.31
C VAL B 11 -9.85 -6.09 4.80
N ILE B 12 -10.08 -6.86 3.74
CA ILE B 12 -9.00 -7.58 3.08
C ILE B 12 -9.39 -7.75 1.62
N ALA B 13 -8.40 -7.75 0.75
CA ALA B 13 -8.61 -7.87 -0.69
C ALA B 13 -8.05 -9.20 -1.17
N LEU B 14 -8.92 -10.17 -1.39
CA LEU B 14 -8.53 -11.42 -2.03
CA LEU B 14 -8.52 -11.42 -2.02
C LEU B 14 -8.50 -11.19 -3.53
N THR B 15 -7.41 -11.57 -4.18
CA THR B 15 -7.26 -11.33 -5.60
C THR B 15 -6.80 -12.59 -6.29
N PHE B 16 -7.20 -12.70 -7.56
CA PHE B 16 -7.02 -13.91 -8.36
C PHE B 16 -6.45 -13.53 -9.71
N SER B 17 -5.29 -14.08 -10.06
CA SER B 17 -4.63 -13.82 -11.33
C SER B 17 -4.66 -15.06 -12.23
N ASP B 18 -4.78 -14.80 -13.53
CA ASP B 18 -4.49 -15.71 -14.65
C ASP B 18 -5.72 -16.31 -15.33
N GLY B 19 -6.89 -16.11 -14.77
CA GLY B 19 -8.10 -16.62 -15.36
C GLY B 19 -8.62 -15.69 -16.43
N PRO B 20 -9.84 -15.96 -16.92
CA PRO B 20 -10.71 -17.01 -16.42
C PRO B 20 -10.32 -18.41 -16.85
N ASN B 21 -10.59 -19.37 -15.96
CA ASN B 21 -10.57 -20.79 -16.28
C ASN B 21 -11.86 -21.34 -15.69
N PRO B 22 -12.91 -21.55 -16.51
CA PRO B 22 -14.23 -21.80 -15.92
C PRO B 22 -14.28 -22.83 -14.79
N ALA B 23 -13.64 -23.99 -14.93
CA ALA B 23 -13.75 -25.01 -13.89
C ALA B 23 -13.36 -24.45 -12.52
N THR B 24 -12.26 -23.72 -12.45
CA THR B 24 -11.77 -23.22 -11.18
C THR B 24 -12.32 -21.84 -10.84
N THR B 25 -12.38 -20.94 -11.81
CA THR B 25 -12.94 -19.61 -11.55
C THR B 25 -14.38 -19.72 -11.07
N ASN B 26 -15.18 -20.59 -11.69
CA ASN B 26 -16.58 -20.68 -11.28
C ASN B 26 -16.72 -21.22 -9.86
N GLN B 27 -15.84 -22.12 -9.45
CA GLN B 27 -15.88 -22.60 -8.07
C GLN B 27 -15.59 -21.47 -7.10
N ILE B 28 -14.59 -20.65 -7.41
CA ILE B 28 -14.24 -19.52 -6.57
C ILE B 28 -15.38 -18.51 -6.53
N LEU B 29 -16.02 -18.23 -7.68
CA LEU B 29 -17.17 -17.34 -7.66
C LEU B 29 -18.30 -17.90 -6.79
N ASP B 30 -18.53 -19.22 -6.84
CA ASP B 30 -19.52 -19.84 -5.96
C ASP B 30 -19.19 -19.60 -4.50
N SER B 31 -17.92 -19.78 -4.12
CA SER B 31 -17.50 -19.58 -2.74
C SER B 31 -17.72 -18.15 -2.29
N LEU B 32 -17.34 -17.18 -3.13
CA LEU B 32 -17.54 -15.79 -2.78
C LEU B 32 -19.02 -15.50 -2.57
N LYS B 33 -19.87 -16.00 -3.47
CA LYS B 33 -21.30 -15.74 -3.36
C LYS B 33 -21.87 -16.39 -2.09
N LYS B 34 -21.45 -17.62 -1.79
CA LYS B 34 -21.92 -18.32 -0.60
C LYS B 34 -21.63 -17.54 0.67
N TYR B 35 -20.44 -16.96 0.77
CA TYR B 35 -20.02 -16.23 1.96
C TYR B 35 -20.25 -14.72 1.86
N LYS B 36 -20.92 -14.26 0.80
CA LYS B 36 -21.28 -12.86 0.61
C LYS B 36 -20.05 -11.96 0.64
N GLY B 37 -18.98 -12.41 -0.03
CA GLY B 37 -17.78 -11.61 -0.21
C GLY B 37 -17.54 -11.34 -1.69
N HIS B 38 -16.60 -10.43 -1.92
CA HIS B 38 -16.21 -10.06 -3.28
C HIS B 38 -14.70 -10.15 -3.39
N ALA B 39 -14.22 -10.17 -4.63
CA ALA B 39 -12.80 -10.28 -4.90
C ALA B 39 -12.50 -9.52 -6.18
N THR B 40 -11.22 -9.55 -6.56
CA THR B 40 -10.75 -8.87 -7.77
C THR B 40 -10.04 -9.90 -8.62
N PHE B 41 -10.43 -10.01 -9.87
CA PHE B 41 -9.90 -10.99 -10.81
C PHE B 41 -9.05 -10.26 -11.84
N PHE B 42 -7.76 -10.55 -11.86
CA PHE B 42 -6.82 -9.99 -12.81
C PHE B 42 -6.71 -10.97 -13.96
N VAL B 43 -7.39 -10.64 -15.05
CA VAL B 43 -7.65 -11.57 -16.15
C VAL B 43 -6.67 -11.36 -17.29
N LEU B 44 -6.37 -12.46 -17.98
CA LEU B 44 -5.60 -12.43 -19.22
C LEU B 44 -6.55 -12.19 -20.39
N GLY B 45 -6.18 -11.24 -21.26
CA GLY B 45 -7.03 -10.95 -22.41
C GLY B 45 -7.28 -12.16 -23.28
N SER B 46 -6.26 -13.00 -23.47
CA SER B 46 -6.43 -14.21 -24.28
C SER B 46 -7.49 -15.13 -23.67
N ARG B 47 -7.54 -15.23 -22.34
CA ARG B 47 -8.52 -16.10 -21.69
C ARG B 47 -9.90 -15.47 -21.66
N VAL B 48 -9.99 -14.15 -21.53
CA VAL B 48 -11.27 -13.48 -21.66
C VAL B 48 -11.89 -13.78 -23.02
N GLN B 49 -11.07 -13.76 -24.07
CA GLN B 49 -11.59 -14.03 -25.41
C GLN B 49 -12.18 -15.43 -25.50
N TYR B 50 -11.53 -16.41 -24.85
CA TYR B 50 -12.03 -17.79 -24.84
C TYR B 50 -13.31 -17.91 -24.03
N TYR B 51 -13.43 -17.16 -22.92
CA TYR B 51 -14.44 -17.43 -21.89
C TYR B 51 -15.20 -16.15 -21.54
N PRO B 52 -15.82 -15.50 -22.53
CA PRO B 52 -16.50 -14.23 -22.23
C PRO B 52 -17.60 -14.37 -21.19
N GLU B 53 -18.29 -15.50 -21.17
CA GLU B 53 -19.37 -15.69 -20.22
C GLU B 53 -18.89 -15.61 -18.77
N THR B 54 -17.65 -16.03 -18.54
CA THR B 54 -17.11 -16.00 -17.18
C THR B 54 -16.79 -14.58 -16.76
N LEU B 55 -16.33 -13.74 -17.69
CA LEU B 55 -16.18 -12.32 -17.40
C LEU B 55 -17.51 -11.71 -16.99
N ILE B 56 -18.57 -11.99 -17.76
CA ILE B 56 -19.87 -11.45 -17.41
C ILE B 56 -20.29 -11.92 -16.02
N ARG B 57 -20.10 -13.21 -15.70
CA ARG B 57 -20.52 -13.70 -14.40
C ARG B 57 -19.77 -13.01 -13.27
N MET B 58 -18.44 -12.86 -13.40
CA MET B 58 -17.73 -12.24 -12.28
C MET B 58 -18.20 -10.83 -12.02
N LEU B 59 -18.48 -10.08 -13.09
CA LEU B 59 -19.00 -8.72 -12.94
C LEU B 59 -20.42 -8.71 -12.38
N LYS B 60 -21.26 -9.63 -12.85
CA LYS B 60 -22.64 -9.65 -12.40
C LYS B 60 -22.72 -9.91 -10.92
N GLU B 61 -21.76 -10.66 -10.38
CA GLU B 61 -21.75 -11.01 -8.98
C GLU B 61 -20.97 -10.02 -8.11
N GLY B 62 -20.66 -8.85 -8.64
CA GLY B 62 -20.12 -7.76 -7.83
C GLY B 62 -18.62 -7.76 -7.67
N ASN B 63 -17.91 -8.57 -8.41
CA ASN B 63 -16.46 -8.61 -8.31
C ASN B 63 -15.84 -7.61 -9.28
N GLU B 64 -14.63 -7.20 -8.94
CA GLU B 64 -13.89 -6.27 -9.79
C GLU B 64 -13.00 -7.07 -10.74
N VAL B 65 -12.80 -6.50 -11.93
CA VAL B 65 -11.93 -7.08 -12.96
C VAL B 65 -10.78 -6.14 -13.21
N GLY B 66 -9.57 -6.69 -13.16
CA GLY B 66 -8.37 -5.96 -13.47
C GLY B 66 -7.67 -6.57 -14.69
N ASN B 67 -6.73 -5.82 -15.23
CA ASN B 67 -6.03 -6.18 -16.45
C ASN B 67 -4.72 -6.87 -16.10
N HIS B 68 -4.51 -8.09 -16.62
CA HIS B 68 -3.29 -8.85 -16.34
C HIS B 68 -2.46 -9.11 -17.61
N SER B 69 -2.61 -8.27 -18.64
CA SER B 69 -1.99 -8.42 -19.97
C SER B 69 -2.77 -9.39 -20.84
N TRP B 70 -2.35 -9.49 -22.11
CA TRP B 70 -3.01 -10.38 -23.06
C TRP B 70 -2.52 -11.82 -22.91
N SER B 71 -1.19 -12.02 -22.92
CA SER B 71 -0.60 -13.35 -22.99
C SER B 71 0.51 -13.57 -21.96
N HIS B 72 0.56 -12.75 -20.92
CA HIS B 72 1.41 -13.00 -19.76
C HIS B 72 2.91 -12.86 -20.00
N PRO B 73 3.39 -11.98 -20.86
CA PRO B 73 4.83 -11.72 -20.89
C PRO B 73 5.26 -10.88 -19.70
N LEU B 74 6.54 -10.98 -19.36
CA LEU B 74 7.16 -10.00 -18.49
C LEU B 74 7.24 -8.67 -19.22
N LEU B 75 6.46 -7.69 -18.76
CA LEU B 75 6.28 -6.49 -19.56
C LEU B 75 7.55 -5.66 -19.66
N THR B 76 8.45 -5.79 -18.70
CA THR B 76 9.67 -5.01 -18.71
C THR B 76 10.67 -5.53 -19.73
N ARG B 77 10.45 -6.71 -20.29
CA ARG B 77 11.25 -7.21 -21.40
CA ARG B 77 11.28 -7.17 -21.39
C ARG B 77 10.73 -6.77 -22.75
N LEU B 78 9.60 -6.09 -22.78
CA LEU B 78 9.03 -5.56 -24.00
C LEU B 78 9.33 -4.06 -24.03
N SER B 79 9.30 -3.50 -25.23
CA SER B 79 9.32 -2.06 -25.31
C SER B 79 8.02 -1.52 -24.76
N VAL B 80 8.02 -0.24 -24.43
CA VAL B 80 6.81 0.39 -23.92
C VAL B 80 5.68 0.27 -24.93
N LYS B 81 5.99 0.37 -26.23
CA LYS B 81 4.95 0.23 -27.24
C LYS B 81 4.36 -1.18 -27.24
N GLU B 82 5.21 -2.20 -27.17
CA GLU B 82 4.72 -3.58 -27.15
C GLU B 82 3.94 -3.88 -25.88
N ALA B 83 4.40 -3.35 -24.75
CA ALA B 83 3.69 -3.57 -23.50
C ALA B 83 2.34 -2.88 -23.51
N LEU B 84 2.28 -1.65 -24.04
CA LEU B 84 1.00 -0.98 -24.13
C LEU B 84 0.03 -1.74 -25.03
N LYS B 85 0.53 -2.38 -26.08
CA LYS B 85 -0.37 -3.18 -26.90
C LYS B 85 -0.95 -4.35 -26.11
N GLN B 86 -0.14 -5.03 -25.30
CA GLN B 86 -0.65 -6.08 -24.42
C GLN B 86 -1.77 -5.56 -23.52
N ILE B 87 -1.54 -4.41 -22.90
CA ILE B 87 -2.49 -3.85 -21.95
C ILE B 87 -3.75 -3.37 -22.69
N ASN B 88 -3.56 -2.62 -23.78
CA ASN B 88 -4.70 -2.06 -24.49
C ASN B 88 -5.53 -3.12 -25.19
N ASP B 89 -4.90 -4.17 -25.72
CA ASP B 89 -5.67 -5.26 -26.33
C ASP B 89 -6.57 -5.92 -25.29
N THR B 90 -6.09 -5.99 -24.04
CA THR B 90 -6.86 -6.59 -22.97
C THR B 90 -7.98 -5.67 -22.51
N GLN B 91 -7.71 -4.36 -22.38
CA GLN B 91 -8.81 -3.41 -22.15
C GLN B 91 -9.88 -3.56 -23.21
N ASP B 92 -9.45 -3.67 -24.47
CA ASP B 92 -10.40 -3.66 -25.57
C ASP B 92 -11.31 -4.87 -25.52
N ILE B 93 -10.77 -6.06 -25.29
CA ILE B 93 -11.63 -7.25 -25.30
C ILE B 93 -12.59 -7.22 -24.13
N ILE B 94 -12.14 -6.77 -22.97
CA ILE B 94 -13.04 -6.67 -21.83
C ILE B 94 -14.16 -5.69 -22.14
N GLU B 95 -13.82 -4.53 -22.71
CA GLU B 95 -14.83 -3.53 -23.07
C GLU B 95 -15.80 -4.05 -24.12
N LYS B 96 -15.31 -4.78 -25.12
CA LYS B 96 -16.18 -5.28 -26.18
C LYS B 96 -17.21 -6.27 -25.64
N ILE B 97 -16.81 -7.09 -24.68
CA ILE B 97 -17.70 -8.10 -24.12
CA ILE B 97 -17.69 -8.10 -24.13
C ILE B 97 -18.69 -7.50 -23.15
N SER B 98 -18.27 -6.51 -22.36
CA SER B 98 -18.97 -6.14 -21.14
C SER B 98 -19.28 -4.66 -20.97
N GLY B 99 -18.66 -3.77 -21.72
CA GLY B 99 -18.82 -2.35 -21.46
C GLY B 99 -18.10 -1.85 -20.22
N TYR B 100 -17.23 -2.67 -19.63
CA TYR B 100 -16.52 -2.35 -18.39
C TYR B 100 -15.08 -2.03 -18.76
N ARG B 101 -14.57 -0.94 -18.18
CA ARG B 101 -13.19 -0.52 -18.42
C ARG B 101 -12.41 -0.71 -17.12
N PRO B 102 -11.51 -1.69 -17.05
CA PRO B 102 -10.71 -1.84 -15.82
C PRO B 102 -9.92 -0.57 -15.52
N THR B 103 -9.80 -0.28 -14.23
CA THR B 103 -8.97 0.81 -13.75
C THR B 103 -7.67 0.30 -13.16
N LEU B 104 -7.55 -0.99 -12.90
CA LEU B 104 -6.39 -1.59 -12.26
C LEU B 104 -5.66 -2.48 -13.24
N VAL B 105 -4.33 -2.42 -13.20
CA VAL B 105 -3.47 -3.30 -13.96
C VAL B 105 -2.52 -4.01 -13.01
N ARG B 106 -2.33 -5.30 -13.24
CA ARG B 106 -1.37 -6.10 -12.48
C ARG B 106 -0.36 -6.66 -13.46
N PRO B 107 0.84 -6.12 -13.54
CA PRO B 107 1.83 -6.62 -14.49
C PRO B 107 2.23 -8.05 -14.15
N PRO B 108 2.32 -8.94 -15.15
CA PRO B 108 2.79 -10.31 -14.91
C PRO B 108 4.09 -10.34 -14.13
N TYR B 109 4.16 -11.24 -13.15
CA TYR B 109 5.33 -11.48 -12.32
C TYR B 109 5.71 -10.28 -11.47
N GLY B 110 4.85 -9.25 -11.38
CA GLY B 110 5.18 -8.04 -10.67
C GLY B 110 6.09 -7.08 -11.42
N GLY B 111 6.41 -7.38 -12.67
CA GLY B 111 7.44 -6.61 -13.38
C GLY B 111 6.92 -5.32 -13.99
N ILE B 112 7.42 -4.19 -13.51
CA ILE B 112 6.98 -2.89 -13.99
C ILE B 112 8.15 -1.93 -13.90
N ASN B 113 8.19 -0.97 -14.81
CA ASN B 113 9.15 0.13 -14.75
C ASN B 113 8.42 1.46 -14.87
N ASP B 114 9.16 2.54 -14.57
CA ASP B 114 8.55 3.86 -14.53
C ASP B 114 8.10 4.31 -15.90
N GLU B 115 8.81 3.92 -16.96
CA GLU B 115 8.37 4.27 -18.30
C GLU B 115 6.97 3.73 -18.57
N LEU B 116 6.72 2.45 -18.26
CA LEU B 116 5.41 1.90 -18.52
C LEU B 116 4.35 2.54 -17.62
N ARG B 117 4.65 2.71 -16.33
CA ARG B 117 3.71 3.39 -15.43
C ARG B 117 3.27 4.73 -16.01
N SER B 118 4.23 5.53 -16.49
CA SER B 118 3.90 6.86 -16.98
C SER B 118 3.04 6.83 -18.24
N GLN B 119 3.02 5.73 -18.97
CA GLN B 119 2.24 5.63 -20.20
C GLN B 119 0.99 4.79 -20.06
N MET B 120 0.90 3.93 -19.05
CA MET B 120 -0.22 3.00 -18.95
C MET B 120 -1.50 3.72 -18.58
N LYS B 121 -1.41 4.73 -17.71
CA LYS B 121 -2.58 5.50 -17.30
C LYS B 121 -3.59 4.64 -16.54
N MET B 122 -3.09 3.66 -15.80
CA MET B 122 -3.90 2.82 -14.95
C MET B 122 -3.23 2.74 -13.59
N ASP B 123 -3.98 2.28 -12.60
CA ASP B 123 -3.45 2.11 -11.26
CA ASP B 123 -3.50 2.09 -11.24
C ASP B 123 -2.86 0.71 -11.14
N VAL B 124 -1.61 0.63 -10.70
CA VAL B 124 -0.90 -0.63 -10.60
C VAL B 124 -1.26 -1.30 -9.29
N ALA B 125 -1.74 -2.53 -9.35
CA ALA B 125 -2.23 -3.25 -8.19
C ALA B 125 -1.44 -4.54 -8.04
N LEU B 126 -0.54 -4.55 -7.06
CA LEU B 126 0.26 -5.73 -6.76
C LEU B 126 -0.32 -6.44 -5.54
N TRP B 127 0.50 -6.89 -4.61
CA TRP B 127 0.00 -7.72 -3.52
C TRP B 127 0.97 -7.68 -2.35
N ASP B 128 0.48 -8.15 -1.20
CA ASP B 128 1.24 -8.23 0.04
C ASP B 128 1.54 -9.66 0.46
N VAL B 129 0.68 -10.60 0.10
CA VAL B 129 0.75 -11.97 0.58
C VAL B 129 0.66 -12.88 -0.63
N ASP B 130 1.62 -13.78 -0.77
CA ASP B 130 1.73 -14.66 -1.93
C ASP B 130 2.10 -16.04 -1.42
N PRO B 131 1.15 -16.97 -1.32
CA PRO B 131 1.46 -18.32 -0.87
C PRO B 131 2.15 -19.18 -1.91
N GLU B 132 2.42 -18.66 -3.11
CA GLU B 132 3.07 -19.40 -4.18
C GLU B 132 2.32 -20.69 -4.50
N ASP B 133 1.02 -20.54 -4.76
CA ASP B 133 0.15 -21.68 -4.98
C ASP B 133 0.46 -22.39 -6.30
N TRP B 134 1.19 -21.74 -7.21
CA TRP B 134 1.64 -22.39 -8.44
C TRP B 134 2.77 -23.36 -8.17
N LYS B 135 3.51 -23.15 -7.10
CA LYS B 135 4.69 -23.93 -6.74
C LYS B 135 4.33 -25.05 -5.77
N ASP B 136 3.59 -24.73 -4.73
CA ASP B 136 3.16 -25.70 -3.73
C ASP B 136 1.64 -25.89 -3.90
N ARG B 137 1.27 -26.83 -4.76
CA ARG B 137 -0.12 -27.05 -5.15
C ARG B 137 -0.73 -28.03 -4.15
N ASN B 138 -0.97 -27.48 -2.98
CA ASN B 138 -1.44 -28.26 -1.84
CA ASN B 138 -1.36 -28.24 -1.79
C ASN B 138 -2.36 -27.37 -1.03
N LYS B 139 -3.62 -27.79 -0.94
CA LYS B 139 -4.64 -26.98 -0.29
C LYS B 139 -4.20 -26.51 1.08
N LYS B 140 -3.75 -27.43 1.93
CA LYS B 140 -3.45 -27.04 3.30
C LYS B 140 -2.29 -26.06 3.36
N THR B 141 -1.26 -26.27 2.54
CA THR B 141 -0.12 -25.34 2.54
C THR B 141 -0.58 -23.94 2.15
N ILE B 142 -1.43 -23.85 1.14
CA ILE B 142 -1.89 -22.54 0.67
C ILE B 142 -2.72 -21.86 1.74
N VAL B 143 -3.66 -22.60 2.33
CA VAL B 143 -4.51 -22.03 3.37
C VAL B 143 -3.67 -21.53 4.53
N ASP B 144 -2.74 -22.35 5.01
CA ASP B 144 -1.95 -21.99 6.17
C ASP B 144 -1.12 -20.74 5.91
N ARG B 145 -0.48 -20.66 4.75
CA ARG B 145 0.34 -19.50 4.43
C ARG B 145 -0.52 -18.24 4.40
N VAL B 146 -1.68 -18.31 3.75
CA VAL B 146 -2.52 -17.13 3.66
C VAL B 146 -3.05 -16.74 5.04
N MET B 147 -3.59 -17.70 5.78
CA MET B 147 -4.21 -17.35 7.06
C MET B 147 -3.17 -16.88 8.08
N ASN B 148 -1.95 -17.37 8.00
CA ASN B 148 -0.91 -16.90 8.92
C ASN B 148 -0.49 -15.47 8.61
N GLN B 149 -0.63 -15.04 7.37
CA GLN B 149 -0.20 -13.70 6.97
C GLN B 149 -1.35 -12.71 6.81
N ALA B 150 -2.58 -13.17 6.84
CA ALA B 150 -3.72 -12.29 6.62
C ALA B 150 -3.80 -11.23 7.70
N GLY B 151 -4.24 -10.05 7.30
CA GLY B 151 -4.48 -8.97 8.25
C GLY B 151 -5.22 -7.85 7.55
N ASP B 152 -5.73 -6.95 8.37
CA ASP B 152 -6.44 -5.79 7.83
C ASP B 152 -5.60 -5.08 6.78
N GLY B 153 -6.25 -4.71 5.68
CA GLY B 153 -5.66 -3.87 4.66
C GLY B 153 -4.76 -4.58 3.69
N ARG B 154 -4.58 -5.88 3.83
CA ARG B 154 -3.67 -6.62 2.98
CA ARG B 154 -3.67 -6.61 2.97
C ARG B 154 -4.37 -7.13 1.72
N THR B 155 -3.55 -7.38 0.69
CA THR B 155 -3.96 -7.92 -0.59
C THR B 155 -3.30 -9.28 -0.77
N ILE B 156 -4.11 -10.29 -1.02
CA ILE B 156 -3.68 -11.69 -1.14
CA ILE B 156 -3.69 -11.69 -1.13
C ILE B 156 -3.70 -12.08 -2.61
N LEU B 157 -2.64 -12.76 -3.06
CA LEU B 157 -2.54 -13.26 -4.43
C LEU B 157 -2.78 -14.77 -4.46
N ILE B 158 -3.79 -15.19 -5.20
CA ILE B 158 -4.06 -16.59 -5.54
C ILE B 158 -4.17 -16.64 -7.05
N HIS B 159 -3.82 -17.78 -7.64
CA HIS B 159 -3.94 -17.97 -9.08
C HIS B 159 -5.13 -18.88 -9.37
N ASP B 160 -6.16 -18.35 -10.03
CA ASP B 160 -7.45 -19.05 -10.08
C ASP B 160 -7.53 -20.06 -11.22
N ILE B 161 -6.43 -20.72 -11.53
CA ILE B 161 -6.37 -21.69 -12.62
C ILE B 161 -6.07 -23.10 -12.14
N TYR B 162 -5.87 -23.31 -10.84
CA TYR B 162 -5.51 -24.61 -10.28
C TYR B 162 -6.60 -25.10 -9.35
N ARG B 163 -6.91 -26.39 -9.42
CA ARG B 163 -7.96 -26.95 -8.57
C ARG B 163 -7.61 -26.77 -7.08
N THR B 164 -6.36 -26.99 -6.70
CA THR B 164 -5.97 -26.82 -5.30
C THR B 164 -6.09 -25.36 -4.86
N SER B 165 -5.94 -24.41 -5.79
CA SER B 165 -6.12 -23.00 -5.45
C SER B 165 -7.59 -22.67 -5.21
N ALA B 166 -8.49 -23.21 -6.03
CA ALA B 166 -9.91 -23.01 -5.78
C ALA B 166 -10.34 -23.65 -4.47
N ASP B 167 -9.88 -24.87 -4.20
CA ASP B 167 -10.21 -25.51 -2.92
C ASP B 167 -9.68 -24.69 -1.76
N ALA B 168 -8.42 -24.24 -1.84
CA ALA B 168 -7.87 -23.42 -0.77
C ALA B 168 -8.64 -22.11 -0.64
N ALA B 169 -9.02 -21.50 -1.77
CA ALA B 169 -9.76 -20.25 -1.72
C ALA B 169 -11.07 -20.39 -0.96
N ASP B 170 -11.76 -21.52 -1.14
CA ASP B 170 -13.02 -21.71 -0.41
C ASP B 170 -12.79 -21.66 1.09
N GLU B 171 -11.77 -22.37 1.57
CA GLU B 171 -11.49 -22.39 3.00
CA GLU B 171 -11.47 -22.39 2.99
C GLU B 171 -11.00 -21.03 3.49
N ILE B 172 -10.18 -20.34 2.69
CA ILE B 172 -9.73 -19.00 3.05
C ILE B 172 -10.92 -18.05 3.18
N ILE B 173 -11.82 -18.08 2.19
CA ILE B 173 -12.99 -17.20 2.23
C ILE B 173 -13.81 -17.51 3.47
N LYS B 174 -14.04 -18.80 3.74
CA LYS B 174 -14.79 -19.19 4.93
C LYS B 174 -14.15 -18.66 6.20
N LYS B 175 -12.85 -18.89 6.37
CA LYS B 175 -12.18 -18.51 7.62
C LYS B 175 -12.10 -17.00 7.80
N LEU B 176 -11.72 -16.26 6.74
CA LEU B 176 -11.68 -14.81 6.86
C LEU B 176 -13.06 -14.24 7.18
N THR B 177 -14.10 -14.81 6.57
CA THR B 177 -15.46 -14.36 6.85
C THR B 177 -15.83 -14.63 8.31
N ASP B 178 -15.50 -15.81 8.81
CA ASP B 178 -15.75 -16.14 10.22
C ASP B 178 -14.96 -15.22 11.16
N GLN B 179 -13.77 -14.77 10.76
CA GLN B 179 -12.96 -13.89 11.58
C GLN B 179 -13.41 -12.43 11.53
N GLY B 180 -14.45 -12.13 10.78
CA GLY B 180 -14.99 -10.78 10.77
C GLY B 180 -14.42 -9.86 9.70
N TYR B 181 -13.68 -10.39 8.73
CA TYR B 181 -13.19 -9.54 7.65
C TYR B 181 -14.29 -9.23 6.64
N GLN B 182 -14.28 -8.01 6.13
CA GLN B 182 -15.02 -7.67 4.91
C GLN B 182 -14.13 -8.00 3.72
N LEU B 183 -14.61 -8.88 2.85
CA LEU B 183 -13.87 -9.28 1.63
C LEU B 183 -14.26 -8.31 0.54
N VAL B 184 -13.36 -7.36 0.26
CA VAL B 184 -13.64 -6.23 -0.60
C VAL B 184 -12.77 -6.31 -1.87
N THR B 185 -13.18 -5.53 -2.87
CA THR B 185 -12.38 -5.43 -4.08
C THR B 185 -11.17 -4.54 -3.82
N VAL B 186 -10.21 -4.56 -4.74
CA VAL B 186 -9.02 -3.72 -4.57
C VAL B 186 -9.40 -2.25 -4.56
N SER B 187 -10.28 -1.84 -5.47
CA SER B 187 -10.70 -0.43 -5.48
C SER B 187 -11.44 -0.06 -4.19
N GLN B 188 -12.25 -0.97 -3.65
CA GLN B 188 -12.90 -0.69 -2.37
C GLN B 188 -11.89 -0.57 -1.25
N LEU B 189 -10.85 -1.43 -1.27
CA LEU B 189 -9.79 -1.32 -0.28
C LEU B 189 -9.09 0.03 -0.37
N GLU B 190 -8.79 0.48 -1.58
CA GLU B 190 -8.17 1.79 -1.74
C GLU B 190 -9.04 2.89 -1.17
N GLU B 191 -10.35 2.81 -1.41
CA GLU B 191 -11.28 3.82 -0.89
C GLU B 191 -11.31 3.79 0.63
N VAL B 192 -11.30 2.60 1.23
CA VAL B 192 -11.25 2.51 2.68
C VAL B 192 -9.99 3.18 3.21
N LYS B 193 -8.85 2.91 2.58
CA LYS B 193 -7.62 3.53 3.07
CA LYS B 193 -7.60 3.53 3.03
C LYS B 193 -7.70 5.05 2.99
N LYS B 194 -8.29 5.58 1.93
CA LYS B 194 -8.48 7.03 1.81
C LYS B 194 -9.42 7.55 2.88
N GLN B 195 -10.49 6.83 3.17
CA GLN B 195 -11.44 7.27 4.19
C GLN B 195 -10.76 7.29 5.55
N ARG B 196 -9.93 6.30 5.84
CA ARG B 196 -9.21 6.28 7.11
C ARG B 196 -8.22 7.44 7.18
N GLU B 197 -7.49 7.69 6.10
CA GLU B 197 -6.55 8.81 6.07
C GLU B 197 -7.25 10.14 6.28
N ALA B 198 -8.46 10.27 5.74
CA ALA B 198 -9.22 11.51 5.83
C ALA B 198 -9.65 11.85 7.24
N LYS B 199 -9.56 10.91 8.18
CA LYS B 199 -9.77 11.27 9.57
C LYS B 199 -8.81 12.37 10.02
N GLU B 200 -7.64 12.48 9.39
CA GLU B 200 -6.72 13.55 9.76
C GLU B 200 -7.29 14.93 9.48
N LEU B 201 -8.20 15.06 8.51
CA LEU B 201 -8.81 16.36 8.26
C LEU B 201 -9.52 16.88 9.49
N ARG B 202 -9.99 15.98 10.35
CA ARG B 202 -10.72 16.39 11.54
C ARG B 202 -9.82 17.11 12.54
N ARG B 203 -8.49 16.94 12.42
CA ARG B 203 -7.56 17.65 13.28
C ARG B 203 -7.72 19.16 13.17
N GLN B 204 -8.26 19.65 12.05
CA GLN B 204 -8.44 21.08 11.85
C GLN B 204 -9.47 21.67 12.80
N TRP B 205 -10.37 20.86 13.37
CA TRP B 205 -11.45 21.37 14.21
C TRP B 205 -11.77 20.52 15.44
N SER B 206 -11.35 19.27 15.53
CA SER B 206 -11.80 18.38 16.60
C SER B 206 -10.88 18.52 17.81
N HIS B 207 -11.47 18.80 18.99
CA HIS B 207 -10.68 19.04 20.18
C HIS B 207 -10.12 17.72 20.71
N PRO B 208 -8.90 17.72 21.22
CA PRO B 208 -8.33 16.47 21.76
C PRO B 208 -9.23 15.83 22.79
N GLN B 209 -9.35 14.49 22.71
CA GLN B 209 -10.12 13.72 23.68
C GLN B 209 -9.33 13.51 24.96
N PHE B 210 -8.02 13.31 24.86
CA PHE B 210 -7.15 13.17 26.03
C PHE B 210 -5.95 14.12 25.88
#